data_5BQD
#
_entry.id   5BQD
#
_cell.length_a   81.455
_cell.length_b   81.455
_cell.length_c   341.022
_cell.angle_alpha   90.00
_cell.angle_beta   90.00
_cell.angle_gamma   120.00
#
_symmetry.space_group_name_H-M   'P 61 2 2'
#
loop_
_entity.id
_entity.type
_entity.pdbx_description
1 polymer 'T-box transcription factor TBX5'
2 non-polymer 'MAGNESIUM ION'
3 water water
#
_entity_poly.entity_id   1
_entity_poly.type   'polypeptide(L)'
_entity_poly.pdbx_seq_one_letter_code
;MADADEGFGLAHTPLEPDAKDLPCDSKPESALGAPSKSPSSPQAAFTQQGMEGIKVFLHERELWLKFHEVGTEMIITKAG
RRMFPSYKVKVTGLNPKTKYILLMDIVPADDHRYKFADNKWSVTGKAEPAMPGRLYVHPDSPATGAHWMRQLVSFQKLKL
TNNHLDPFGHIILNSMHKYQPRLHIVKADENNGFGSKNTAFCTHVFPETAFIAVTSYQNHKITQLKIENNPFAKGFRGS
;
_entity_poly.pdbx_strand_id   A,B
#
# COMPACT_ATOMS: atom_id res chain seq x y z
N SER A 36 -6.02 12.50 10.79
CA SER A 36 -5.11 12.07 9.72
C SER A 36 -5.83 11.73 8.41
N LYS A 37 -5.58 12.53 7.37
CA LYS A 37 -6.05 12.20 6.02
C LYS A 37 -5.40 10.91 5.54
N SER A 38 -5.97 10.30 4.49
CA SER A 38 -5.28 9.23 3.81
C SER A 38 -4.60 9.84 2.59
N PRO A 39 -3.44 9.27 2.18
CA PRO A 39 -2.71 9.78 1.02
C PRO A 39 -3.52 9.69 -0.28
N SER A 40 -3.38 10.72 -1.11
CA SER A 40 -4.11 10.80 -2.36
C SER A 40 -3.62 9.79 -3.39
N SER A 41 -2.54 9.10 -3.05
CA SER A 41 -2.00 8.05 -3.89
C SER A 41 -2.30 6.68 -3.29
N PRO A 42 -2.78 5.76 -4.13
CA PRO A 42 -3.01 4.38 -3.68
C PRO A 42 -1.69 3.75 -3.26
N GLN A 43 -1.73 2.73 -2.42
CA GLN A 43 -0.56 1.88 -2.22
C GLN A 43 -0.37 1.08 -3.50
N ALA A 44 0.89 0.89 -3.90
CA ALA A 44 1.15 0.16 -5.13
C ALA A 44 2.13 -0.99 -4.87
N ALA A 45 2.06 -2.01 -5.72
CA ALA A 45 2.93 -3.15 -5.57
C ALA A 45 3.18 -3.81 -6.92
N PHE A 46 4.40 -4.30 -7.12
CA PHE A 46 4.66 -5.04 -8.33
C PHE A 46 5.14 -6.44 -7.93
N THR A 47 4.45 -7.45 -8.45
CA THR A 47 4.58 -8.82 -7.94
C THR A 47 4.77 -9.84 -9.07
N GLN A 48 5.87 -10.59 -9.03
CA GLN A 48 6.10 -11.73 -9.94
C GLN A 48 5.44 -12.99 -9.39
N GLN A 49 5.04 -13.90 -10.29
CA GLN A 49 4.44 -15.18 -9.92
C GLN A 49 5.23 -15.85 -8.80
N GLY A 50 4.52 -16.42 -7.84
CA GLY A 50 5.16 -17.03 -6.68
C GLY A 50 5.23 -16.08 -5.51
N MET A 51 4.89 -14.83 -5.76
CA MET A 51 4.95 -13.85 -4.69
C MET A 51 3.56 -13.31 -4.33
N GLU A 52 2.56 -13.69 -5.13
CA GLU A 52 1.25 -13.05 -5.07
C GLU A 52 0.44 -13.31 -3.81
N GLY A 53 0.87 -14.26 -2.99
CA GLY A 53 0.16 -14.53 -1.75
C GLY A 53 0.66 -13.69 -0.59
N ILE A 54 1.75 -12.95 -0.82
CA ILE A 54 2.37 -12.17 0.25
C ILE A 54 1.60 -10.87 0.55
N LYS A 55 1.56 -10.49 1.83
CA LYS A 55 0.93 -9.24 2.24
C LYS A 55 1.81 -8.54 3.28
N VAL A 56 1.83 -7.20 3.20
CA VAL A 56 2.69 -6.36 4.02
C VAL A 56 1.87 -5.33 4.77
N PHE A 57 2.15 -5.13 6.06
CA PHE A 57 1.38 -4.16 6.82
C PHE A 57 2.31 -3.16 7.48
N LEU A 58 2.09 -1.87 7.22
CA LEU A 58 2.92 -0.82 7.78
C LEU A 58 2.66 -0.73 9.26
N HIS A 59 3.72 -0.88 10.05
CA HIS A 59 3.64 -0.71 11.49
C HIS A 59 3.42 0.76 11.80
N GLU A 60 2.49 1.03 12.73
CA GLU A 60 2.21 2.39 13.19
C GLU A 60 1.81 3.32 12.03
N ARG A 61 0.94 2.83 11.14
CA ARG A 61 0.49 3.61 9.98
C ARG A 61 -0.11 4.96 10.39
N GLU A 62 -0.86 5.01 11.49
CA GLU A 62 -1.47 6.30 11.87
C GLU A 62 -0.39 7.35 12.16
N LEU A 63 0.66 6.94 12.87
CA LEU A 63 1.80 7.82 13.12
C LEU A 63 2.36 8.41 11.83
N TRP A 64 2.53 7.52 10.84
CA TRP A 64 2.94 7.91 9.50
C TRP A 64 1.97 8.87 8.84
N LEU A 65 0.68 8.61 8.97
CA LEU A 65 -0.32 9.51 8.39
C LEU A 65 -0.22 10.93 8.96
N LYS A 66 0.14 11.07 10.24
CA LYS A 66 0.23 12.41 10.84
C LYS A 66 1.38 13.22 10.24
N PHE A 67 2.56 12.63 10.16
CA PHE A 67 3.68 13.27 9.47
C PHE A 67 3.33 13.53 8.01
N HIS A 68 2.68 12.56 7.37
CA HIS A 68 2.38 12.71 5.95
C HIS A 68 1.50 13.92 5.69
N GLU A 69 0.54 14.11 6.58
CA GLU A 69 -0.47 15.17 6.53
C GLU A 69 0.21 16.54 6.48
N VAL A 70 1.11 16.75 7.42
CA VAL A 70 1.97 17.92 7.49
C VAL A 70 2.97 18.03 6.34
N GLY A 71 3.49 16.87 5.92
CA GLY A 71 4.53 16.81 4.89
C GLY A 71 5.83 16.34 5.49
N THR A 72 6.14 15.07 5.31
CA THR A 72 7.20 14.49 6.12
C THR A 72 8.57 14.91 5.64
N GLU A 73 9.45 15.17 6.59
CA GLU A 73 10.84 15.53 6.34
C GLU A 73 11.76 14.56 7.04
N MET A 74 12.89 14.28 6.42
CA MET A 74 13.88 13.41 7.02
C MET A 74 15.21 14.15 6.94
N ILE A 75 15.91 14.22 8.07
CA ILE A 75 17.18 14.90 8.13
C ILE A 75 18.32 14.04 7.52
N ILE A 76 19.13 14.63 6.63
CA ILE A 76 20.33 13.95 6.16
C ILE A 76 21.60 14.67 6.64
N THR A 77 22.59 13.90 7.10
CA THR A 77 23.89 14.48 7.48
C THR A 77 25.02 13.73 6.78
N LYS A 78 26.26 14.16 7.00
CA LYS A 78 27.39 13.49 6.40
C LYS A 78 27.63 12.12 7.06
N ALA A 79 27.44 12.03 8.37
CA ALA A 79 27.65 10.77 9.08
C ALA A 79 26.56 9.78 8.70
N GLY A 80 25.35 10.32 8.55
CA GLY A 80 24.16 9.53 8.28
C GLY A 80 23.16 9.71 9.42
N ARG A 81 21.88 9.83 9.10
CA ARG A 81 20.84 9.81 10.11
C ARG A 81 19.90 8.64 9.93
N ARG A 82 19.42 8.08 11.03
CA ARG A 82 18.34 7.11 10.94
C ARG A 82 17.05 7.85 10.66
N MET A 83 16.04 7.14 10.18
CA MET A 83 14.75 7.74 9.89
C MET A 83 13.87 7.75 11.11
N PHE A 84 13.06 8.79 11.24
CA PHE A 84 11.95 8.79 12.19
C PHE A 84 10.75 9.48 11.58
N PRO A 85 9.60 8.79 11.53
CA PRO A 85 9.46 7.43 12.07
C PRO A 85 10.23 6.37 11.29
N SER A 86 10.60 5.30 11.97
CA SER A 86 11.35 4.27 11.30
C SER A 86 10.37 3.40 10.52
N TYR A 87 10.87 2.81 9.43
CA TYR A 87 10.06 1.96 8.58
C TYR A 87 10.09 0.51 9.12
N LYS A 88 8.94 0.03 9.59
CA LYS A 88 8.79 -1.34 10.08
C LYS A 88 7.56 -1.96 9.44
N VAL A 89 7.62 -3.25 9.12
CA VAL A 89 6.47 -3.93 8.52
C VAL A 89 6.25 -5.33 9.10
N LYS A 90 4.98 -5.74 9.18
CA LYS A 90 4.66 -7.12 9.47
C LYS A 90 4.38 -7.76 8.12
N VAL A 91 4.93 -8.95 7.91
CA VAL A 91 4.73 -9.67 6.65
C VAL A 91 3.93 -10.96 6.87
N THR A 92 3.03 -11.26 5.93
CA THR A 92 2.34 -12.55 5.94
C THR A 92 2.37 -13.22 4.58
N GLY A 93 2.06 -14.52 4.56
CA GLY A 93 1.96 -15.25 3.31
C GLY A 93 3.29 -15.72 2.77
N LEU A 94 4.36 -15.60 3.56
CA LEU A 94 5.63 -16.18 3.13
C LEU A 94 5.59 -17.71 3.29
N ASN A 95 6.17 -18.43 2.32
CA ASN A 95 6.43 -19.87 2.50
C ASN A 95 7.39 -20.06 3.68
N PRO A 96 6.93 -20.75 4.73
CA PRO A 96 7.68 -20.89 6.00
C PRO A 96 9.15 -21.33 5.90
N LYS A 97 9.56 -22.19 4.96
CA LYS A 97 11.00 -22.51 4.88
C LYS A 97 11.59 -22.28 3.47
N THR A 98 10.91 -21.51 2.65
CA THR A 98 11.58 -20.90 1.51
C THR A 98 12.46 -19.75 2.06
N LYS A 99 13.61 -19.48 1.44
CA LYS A 99 14.48 -18.41 1.92
C LYS A 99 14.18 -17.11 1.20
N TYR A 100 14.25 -16.01 1.94
CA TYR A 100 13.86 -14.73 1.38
C TYR A 100 14.87 -13.65 1.72
N ILE A 101 15.07 -12.74 0.77
CA ILE A 101 15.86 -11.55 1.04
C ILE A 101 14.90 -10.35 1.14
N LEU A 102 15.03 -9.59 2.22
CA LEU A 102 14.26 -8.37 2.43
C LEU A 102 15.16 -7.16 2.30
N LEU A 103 14.81 -6.27 1.39
CA LEU A 103 15.58 -5.06 1.26
C LEU A 103 14.73 -3.85 0.91
N MET A 104 15.35 -2.69 1.04
CA MET A 104 14.65 -1.43 0.89
C MET A 104 15.46 -0.49 0.02
N ASP A 105 14.82 0.20 -0.90
CA ASP A 105 15.50 1.30 -1.55
C ASP A 105 14.64 2.57 -1.48
N ILE A 106 15.27 3.70 -1.73
CA ILE A 106 14.61 4.99 -1.59
C ILE A 106 14.72 5.77 -2.90
N VAL A 107 13.63 5.78 -3.65
CA VAL A 107 13.68 6.31 -4.99
C VAL A 107 13.03 7.69 -5.07
N PRO A 108 13.44 8.50 -6.06
CA PRO A 108 12.79 9.81 -6.22
C PRO A 108 11.27 9.65 -6.42
N ALA A 109 10.48 10.53 -5.82
CA ALA A 109 9.02 10.46 -6.02
C ALA A 109 8.60 11.30 -7.23
N ASP A 110 9.46 12.25 -7.59
CA ASP A 110 9.19 13.14 -8.72
C ASP A 110 10.50 13.73 -9.18
N ASP A 111 10.43 14.67 -10.12
CA ASP A 111 11.62 15.33 -10.65
C ASP A 111 11.52 16.85 -10.41
N HIS A 112 11.55 17.26 -9.15
CA HIS A 112 11.52 18.67 -8.77
C HIS A 112 12.50 18.96 -7.64
N ARG A 113 13.02 20.19 -7.57
CA ARG A 113 13.53 20.69 -6.28
C ARG A 113 12.39 21.41 -5.58
N TYR A 114 12.47 21.44 -4.26
CA TYR A 114 11.47 22.12 -3.46
C TYR A 114 12.13 23.18 -2.60
N LYS A 115 11.40 24.25 -2.30
CA LYS A 115 11.78 25.08 -1.17
C LYS A 115 10.56 25.27 -0.30
N PHE A 116 10.81 25.62 0.95
CA PHE A 116 9.77 25.77 1.94
C PHE A 116 9.70 27.23 2.44
N ALA A 117 8.73 27.97 1.94
CA ALA A 117 8.48 29.34 2.41
C ALA A 117 6.99 29.53 2.67
N ASP A 118 6.65 30.44 3.56
CA ASP A 118 5.25 30.77 3.86
C ASP A 118 4.46 29.53 4.29
N ASN A 119 5.12 28.62 5.03
CA ASN A 119 4.52 27.39 5.53
C ASN A 119 4.01 26.47 4.42
N LYS A 120 4.59 26.61 3.23
CA LYS A 120 4.19 25.79 2.10
C LYS A 120 5.42 25.22 1.41
N TRP A 121 5.32 23.99 0.90
CA TRP A 121 6.35 23.43 0.02
C TRP A 121 6.04 23.86 -1.42
N SER A 122 6.97 24.50 -2.09
CA SER A 122 6.76 24.85 -3.50
C SER A 122 7.79 24.18 -4.37
N VAL A 123 7.42 23.90 -5.62
CA VAL A 123 8.38 23.48 -6.62
C VAL A 123 9.17 24.70 -7.08
N THR A 124 10.49 24.64 -6.96
CA THR A 124 11.36 25.78 -7.29
C THR A 124 12.29 25.44 -8.49
N GLY A 125 12.07 24.29 -9.11
CA GLY A 125 12.80 23.87 -10.29
C GLY A 125 12.94 22.36 -10.51
N LYS A 126 13.87 21.95 -11.35
CA LYS A 126 14.00 20.54 -11.77
C LYS A 126 14.94 19.77 -10.83
N ALA A 127 14.53 18.56 -10.43
CA ALA A 127 15.38 17.74 -9.56
C ALA A 127 16.72 17.50 -10.24
N GLU A 128 17.77 17.50 -9.45
CA GLU A 128 19.10 17.25 -9.97
C GLU A 128 19.37 15.74 -10.04
N PRO A 129 19.27 15.13 -11.25
CA PRO A 129 19.42 13.66 -11.35
C PRO A 129 20.71 13.21 -10.68
N ALA A 130 20.68 12.04 -10.07
CA ALA A 130 21.78 11.65 -9.20
C ALA A 130 22.13 10.18 -9.32
N MET A 131 22.61 9.63 -8.20
CA MET A 131 23.05 8.24 -8.14
C MET A 131 21.97 7.27 -8.60
N PRO A 132 22.38 6.12 -9.13
CA PRO A 132 21.43 5.01 -9.02
C PRO A 132 21.30 4.70 -7.54
N GLY A 133 20.08 4.65 -7.02
CA GLY A 133 19.87 4.43 -5.60
C GLY A 133 20.53 3.16 -5.05
N ARG A 134 21.19 3.31 -3.91
CA ARG A 134 21.77 2.16 -3.24
C ARG A 134 20.67 1.33 -2.62
N LEU A 135 21.03 0.15 -2.12
CA LEU A 135 20.05 -0.67 -1.44
C LEU A 135 20.35 -0.65 0.04
N TYR A 136 19.32 -0.89 0.86
CA TYR A 136 19.57 -1.31 2.22
C TYR A 136 19.00 -2.72 2.30
N VAL A 137 19.86 -3.66 2.65
CA VAL A 137 19.45 -5.04 2.79
C VAL A 137 19.24 -5.33 4.26
N HIS A 138 18.11 -5.94 4.61
CA HIS A 138 17.90 -6.26 6.02
C HIS A 138 18.95 -7.24 6.53
N PRO A 139 19.57 -6.89 7.66
CA PRO A 139 20.74 -7.60 8.17
C PRO A 139 20.51 -9.08 8.52
N ASP A 140 19.24 -9.52 8.59
CA ASP A 140 18.92 -10.90 8.91
C ASP A 140 18.85 -11.77 7.66
N SER A 141 18.94 -11.14 6.49
CA SER A 141 18.88 -11.87 5.22
C SER A 141 20.15 -12.67 4.99
N PRO A 142 20.05 -13.85 4.36
CA PRO A 142 18.78 -14.50 3.98
C PRO A 142 18.18 -15.19 5.18
N ALA A 143 16.86 -15.39 5.16
CA ALA A 143 16.18 -16.05 6.25
C ALA A 143 14.91 -16.70 5.75
N THR A 144 14.43 -17.66 6.52
CA THR A 144 13.19 -18.34 6.18
C THR A 144 11.98 -17.43 6.41
N GLY A 145 10.88 -17.76 5.74
CA GLY A 145 9.65 -17.02 5.92
C GLY A 145 9.22 -17.08 7.37
N ALA A 146 9.44 -18.25 7.99
CA ALA A 146 9.15 -18.44 9.40
C ALA A 146 9.83 -17.37 10.24
N HIS A 147 11.10 -17.10 9.93
CA HIS A 147 11.82 -16.08 10.67
C HIS A 147 11.19 -14.69 10.47
N TRP A 148 10.86 -14.35 9.23
CA TRP A 148 10.36 -13.02 8.92
C TRP A 148 8.98 -12.80 9.51
N MET A 149 8.13 -13.82 9.42
CA MET A 149 6.76 -13.70 9.90
C MET A 149 6.66 -13.75 11.42
N ARG A 150 7.69 -14.31 12.06
CA ARG A 150 7.66 -14.48 13.51
C ARG A 150 7.54 -13.17 14.27
N GLN A 151 8.08 -12.10 13.71
CA GLN A 151 7.96 -10.77 14.32
C GLN A 151 7.99 -9.68 13.28
N LEU A 152 8.13 -8.46 13.76
CA LEU A 152 8.20 -7.28 12.93
C LEU A 152 9.55 -7.16 12.25
N VAL A 153 9.53 -7.13 10.92
CA VAL A 153 10.68 -6.71 10.14
C VAL A 153 10.88 -5.20 10.29
N SER A 154 11.92 -4.82 11.00
CA SER A 154 12.23 -3.43 11.24
C SER A 154 13.44 -2.99 10.45
N PHE A 155 13.40 -1.77 9.95
CA PHE A 155 14.51 -1.22 9.20
C PHE A 155 15.11 0.01 9.84
N GLN A 156 14.99 0.16 11.15
CA GLN A 156 15.50 1.34 11.82
C GLN A 156 16.91 1.70 11.49
N LYS A 157 17.76 0.70 11.37
CA LYS A 157 19.21 0.89 11.28
C LYS A 157 19.61 1.55 9.95
N LEU A 158 18.69 1.60 9.00
CA LEU A 158 18.91 2.28 7.71
C LEU A 158 19.28 3.77 7.91
N LYS A 159 20.38 4.19 7.31
CA LYS A 159 20.87 5.57 7.42
C LYS A 159 20.88 6.35 6.11
N LEU A 160 20.58 7.65 6.23
CA LEU A 160 20.52 8.58 5.09
C LEU A 160 21.61 9.65 5.17
N THR A 161 22.41 9.78 4.10
CA THR A 161 23.51 10.74 4.05
C THR A 161 23.30 11.71 2.90
N ASN A 162 23.97 12.85 2.94
CA ASN A 162 23.93 13.79 1.82
C ASN A 162 25.25 13.74 1.07
N ASN A 163 26.18 12.97 1.60
CA ASN A 163 27.52 12.82 1.03
C ASN A 163 27.49 11.88 -0.17
N HIS A 164 27.72 12.41 -1.36
CA HIS A 164 27.70 11.60 -2.56
C HIS A 164 28.97 10.77 -2.70
N LEU A 165 29.88 10.86 -1.72
CA LEU A 165 31.06 10.02 -1.72
C LEU A 165 31.12 9.14 -0.47
N ASP A 166 29.94 8.84 0.09
CA ASP A 166 29.82 8.02 1.29
C ASP A 166 30.52 6.67 1.15
N PRO A 167 31.38 6.35 2.13
CA PRO A 167 32.17 5.11 2.07
C PRO A 167 31.57 3.94 2.89
N PHE A 168 30.36 4.13 3.44
CA PHE A 168 29.73 3.12 4.31
C PHE A 168 28.44 2.56 3.75
N GLY A 169 28.23 2.67 2.44
CA GLY A 169 27.06 2.07 1.81
C GLY A 169 25.71 2.57 2.33
N HIS A 170 25.70 3.74 2.97
CA HIS A 170 24.48 4.43 3.39
C HIS A 170 23.69 4.93 2.17
N ILE A 171 22.40 5.14 2.33
CA ILE A 171 21.59 5.65 1.22
C ILE A 171 21.83 7.16 1.04
N ILE A 172 22.20 7.55 -0.18
CA ILE A 172 22.60 8.91 -0.51
C ILE A 172 21.38 9.63 -1.06
N LEU A 173 21.06 10.81 -0.51
CA LEU A 173 19.93 11.60 -1.00
C LEU A 173 20.31 13.06 -1.27
N ASN A 174 19.45 13.74 -2.05
CA ASN A 174 19.63 15.16 -2.31
C ASN A 174 18.70 16.01 -1.46
N SER A 175 19.27 16.91 -0.67
CA SER A 175 18.47 17.83 0.12
C SER A 175 17.41 18.50 -0.74
N MET A 176 16.22 18.67 -0.17
CA MET A 176 15.11 19.38 -0.81
C MET A 176 14.56 18.65 -2.00
N HIS A 177 14.69 17.32 -2.00
CA HIS A 177 14.07 16.51 -3.04
C HIS A 177 13.13 15.54 -2.36
N LYS A 178 12.11 15.10 -3.10
CA LYS A 178 11.12 14.18 -2.54
C LYS A 178 11.45 12.69 -2.88
N TYR A 179 11.24 11.81 -1.91
CA TYR A 179 11.68 10.42 -2.03
C TYR A 179 10.61 9.43 -1.57
N GLN A 180 10.54 8.30 -2.25
CA GLN A 180 9.62 7.23 -1.89
C GLN A 180 10.36 5.95 -1.51
N PRO A 181 10.28 5.57 -0.23
CA PRO A 181 10.85 4.31 0.24
C PRO A 181 10.08 3.15 -0.38
N ARG A 182 10.79 2.09 -0.77
CA ARG A 182 10.15 0.92 -1.37
C ARG A 182 10.61 -0.35 -0.67
N LEU A 183 9.66 -1.21 -0.30
CA LEU A 183 10.02 -2.55 0.18
C LEU A 183 10.17 -3.49 -1.01
N HIS A 184 11.21 -4.34 -0.96
CA HIS A 184 11.44 -5.41 -1.92
C HIS A 184 11.68 -6.74 -1.21
N ILE A 185 10.94 -7.78 -1.60
CA ILE A 185 11.22 -9.10 -1.07
C ILE A 185 11.70 -10.06 -2.19
N VAL A 186 12.87 -10.67 -2.00
CA VAL A 186 13.38 -11.62 -2.99
C VAL A 186 13.27 -13.08 -2.52
N LYS A 187 12.58 -13.91 -3.30
CA LYS A 187 12.41 -15.34 -2.99
C LYS A 187 13.49 -16.23 -3.61
N ALA A 188 13.97 -17.22 -2.84
CA ALA A 188 14.91 -18.22 -3.37
C ALA A 188 14.28 -19.15 -4.40
N ASP A 189 15.11 -19.90 -5.11
CA ASP A 189 14.62 -20.89 -6.09
C ASP A 189 14.29 -22.24 -5.41
N GLU A 190 14.18 -23.30 -6.20
CA GLU A 190 13.79 -24.62 -5.68
C GLU A 190 14.86 -25.21 -4.76
N ASN A 191 16.13 -25.03 -5.14
CA ASN A 191 17.26 -25.38 -4.27
C ASN A 191 17.42 -24.44 -3.08
N ASN A 192 16.48 -23.50 -2.95
CA ASN A 192 16.45 -22.47 -1.90
C ASN A 192 17.73 -21.63 -1.86
N GLY A 193 18.20 -21.24 -3.04
CA GLY A 193 19.45 -20.51 -3.17
C GLY A 193 19.48 -19.58 -4.38
N PHE A 194 19.80 -18.32 -4.11
CA PHE A 194 19.75 -17.27 -5.11
C PHE A 194 20.95 -17.32 -6.05
N GLY A 195 20.80 -16.73 -7.24
CA GLY A 195 21.78 -16.88 -8.30
C GLY A 195 21.17 -17.51 -9.54
N SER A 196 19.98 -18.08 -9.37
CA SER A 196 19.17 -18.60 -10.48
C SER A 196 18.36 -17.49 -11.14
N LYS A 197 17.70 -17.83 -12.25
CA LYS A 197 16.73 -16.92 -12.86
C LYS A 197 15.33 -17.34 -12.44
N ASN A 198 15.27 -18.38 -11.61
CA ASN A 198 14.02 -18.77 -10.93
C ASN A 198 13.94 -18.14 -9.53
N THR A 199 14.50 -16.95 -9.39
CA THR A 199 14.21 -16.10 -8.25
C THR A 199 13.13 -15.11 -8.67
N ALA A 200 12.37 -14.61 -7.69
CA ALA A 200 11.28 -13.67 -7.94
C ALA A 200 11.15 -12.70 -6.78
N PHE A 201 10.50 -11.57 -7.06
CA PHE A 201 10.40 -10.49 -6.08
C PHE A 201 9.02 -9.82 -6.00
N CYS A 202 8.63 -9.36 -4.81
CA CYS A 202 7.53 -8.40 -4.52
C CYS A 202 8.22 -7.03 -4.45
N THR A 203 7.55 -5.98 -4.92
CA THR A 203 7.96 -4.61 -4.62
C THR A 203 6.77 -3.85 -4.08
N HIS A 204 6.90 -3.19 -2.92
CA HIS A 204 5.72 -2.55 -2.35
C HIS A 204 5.98 -1.10 -1.93
N VAL A 205 4.97 -0.25 -2.14
CA VAL A 205 5.08 1.18 -1.87
C VAL A 205 3.92 1.70 -1.00
N PHE A 206 4.26 2.16 0.19
CA PHE A 206 3.32 2.96 0.99
C PHE A 206 3.59 4.43 0.75
N PRO A 207 2.64 5.13 0.11
CA PRO A 207 2.68 6.57 -0.17
C PRO A 207 2.89 7.43 1.08
N GLU A 208 2.34 6.95 2.20
CA GLU A 208 2.42 7.71 3.45
C GLU A 208 3.80 7.73 4.05
N THR A 209 4.73 6.94 3.50
CA THR A 209 6.11 6.96 3.96
C THR A 209 6.98 7.87 3.11
N ALA A 210 6.41 8.48 2.08
CA ALA A 210 7.19 9.43 1.26
C ALA A 210 7.61 10.66 2.08
N PHE A 211 8.73 11.27 1.69
CA PHE A 211 9.24 12.42 2.43
C PHE A 211 10.18 13.29 1.61
N ILE A 212 10.48 14.47 2.15
CA ILE A 212 11.46 15.36 1.54
C ILE A 212 12.75 15.29 2.38
N ALA A 213 13.90 15.08 1.72
CA ALA A 213 15.13 14.99 2.50
C ALA A 213 15.51 16.43 2.83
N VAL A 214 16.11 16.64 4.01
CA VAL A 214 16.52 18.01 4.39
C VAL A 214 17.81 18.01 5.18
N THR A 215 18.57 19.09 5.07
CA THR A 215 19.76 19.24 5.88
C THR A 215 19.39 19.87 7.23
N SER A 216 18.20 20.44 7.30
CA SER A 216 17.62 20.90 8.56
C SER A 216 16.11 21.08 8.38
N TYR A 217 15.36 20.85 9.44
CA TYR A 217 13.91 20.90 9.36
C TYR A 217 13.40 22.29 8.96
N GLN A 218 12.31 22.32 8.19
CA GLN A 218 11.77 23.56 7.65
C GLN A 218 10.42 23.89 8.30
N ASN A 219 9.54 22.91 8.34
CA ASN A 219 8.23 23.05 8.94
C ASN A 219 8.27 22.74 10.43
N HIS A 220 7.93 23.74 11.25
CA HIS A 220 7.96 23.61 12.71
C HIS A 220 7.09 22.46 13.20
N LYS A 221 6.02 22.17 12.48
CA LYS A 221 5.15 21.06 12.86
C LYS A 221 5.87 19.71 12.77
N ILE A 222 6.77 19.55 11.79
CA ILE A 222 7.53 18.31 11.71
C ILE A 222 8.47 18.26 12.91
N THR A 223 9.17 19.35 13.18
CA THR A 223 10.12 19.40 14.29
C THR A 223 9.42 19.05 15.60
N GLN A 224 8.17 19.47 15.73
CA GLN A 224 7.43 19.27 16.97
C GLN A 224 6.90 17.85 17.09
N LEU A 225 6.34 17.33 16.01
CA LEU A 225 5.87 15.95 16.00
C LEU A 225 6.98 14.98 16.40
N LYS A 226 8.22 15.26 15.98
CA LYS A 226 9.32 14.36 16.29
C LYS A 226 9.74 14.43 17.75
N ILE A 227 9.73 15.64 18.34
CA ILE A 227 10.11 15.77 19.75
C ILE A 227 9.07 15.09 20.67
N GLU A 228 7.80 15.25 20.34
CA GLU A 228 6.76 14.72 21.22
C GLU A 228 6.37 13.28 20.87
N ASN A 229 7.08 12.69 19.91
CA ASN A 229 6.92 11.28 19.60
C ASN A 229 8.24 10.54 19.80
N ASN A 230 9.29 11.29 20.14
CA ASN A 230 10.60 10.75 20.47
C ASN A 230 10.50 9.65 21.52
N PRO A 231 10.73 8.39 21.09
CA PRO A 231 10.53 7.21 21.95
C PRO A 231 11.56 7.09 23.07
N PHE A 232 11.98 8.22 23.64
CA PHE A 232 13.12 8.27 24.56
C PHE A 232 13.03 9.52 25.42
N PHE B 46 15.54 -4.60 -10.16
CA PHE B 46 14.11 -4.55 -9.89
C PHE B 46 13.33 -3.81 -10.98
N THR B 47 13.40 -4.37 -12.19
CA THR B 47 12.75 -3.81 -13.37
C THR B 47 11.30 -4.29 -13.55
N GLN B 48 10.35 -3.47 -13.08
CA GLN B 48 8.96 -3.61 -13.48
C GLN B 48 8.93 -3.41 -15.00
N GLN B 49 8.09 -4.16 -15.70
CA GLN B 49 8.10 -4.17 -17.16
C GLN B 49 7.44 -2.90 -17.72
N GLY B 50 6.64 -3.01 -18.77
CA GLY B 50 5.98 -1.83 -19.31
C GLY B 50 4.92 -1.26 -18.37
N MET B 51 5.30 -1.04 -17.11
CA MET B 51 4.31 -0.91 -16.05
C MET B 51 4.63 0.11 -14.95
N GLU B 52 5.78 0.77 -15.01
CA GLU B 52 6.11 1.77 -13.99
C GLU B 52 5.31 3.05 -14.21
N GLY B 53 4.83 3.25 -15.43
CA GLY B 53 4.12 4.47 -15.77
C GLY B 53 2.65 4.48 -15.39
N ILE B 54 2.11 3.30 -15.11
CA ILE B 54 0.68 3.13 -14.81
C ILE B 54 0.18 3.86 -13.55
N LYS B 55 -0.87 4.67 -13.69
CA LYS B 55 -1.51 5.28 -12.53
C LYS B 55 -3.03 5.00 -12.50
N VAL B 56 -3.58 4.90 -11.30
CA VAL B 56 -4.99 4.57 -11.08
C VAL B 56 -5.70 5.63 -10.23
N PHE B 57 -6.91 6.02 -10.60
CA PHE B 57 -7.60 7.07 -9.84
C PHE B 57 -8.97 6.63 -9.39
N LEU B 58 -9.22 6.81 -8.10
CA LEU B 58 -10.44 6.33 -7.48
C LEU B 58 -11.59 7.31 -7.73
N HIS B 59 -12.66 6.80 -8.34
CA HIS B 59 -13.83 7.60 -8.66
C HIS B 59 -14.75 7.80 -7.45
N GLU B 60 -15.39 8.97 -7.37
CA GLU B 60 -16.28 9.33 -6.27
C GLU B 60 -15.55 9.20 -4.95
N ARG B 61 -14.35 9.74 -4.91
CA ARG B 61 -13.46 9.51 -3.78
C ARG B 61 -13.94 10.19 -2.50
N GLU B 62 -14.47 11.41 -2.65
CA GLU B 62 -14.96 12.14 -1.48
C GLU B 62 -15.97 11.31 -0.73
N LEU B 63 -16.86 10.63 -1.45
CA LEU B 63 -17.83 9.78 -0.80
C LEU B 63 -17.13 8.65 -0.02
N TRP B 64 -16.12 8.02 -0.64
CA TRP B 64 -15.37 6.97 0.06
C TRP B 64 -14.71 7.52 1.32
N LEU B 65 -14.22 8.76 1.24
CA LEU B 65 -13.56 9.38 2.38
C LEU B 65 -14.54 9.65 3.51
N LYS B 66 -15.66 10.30 3.19
CA LYS B 66 -16.71 10.53 4.18
C LYS B 66 -17.11 9.22 4.84
N PHE B 67 -17.28 8.19 4.02
CA PHE B 67 -17.81 6.94 4.51
C PHE B 67 -16.70 6.26 5.33
N HIS B 68 -15.47 6.37 4.85
CA HIS B 68 -14.33 5.87 5.59
C HIS B 68 -14.18 6.57 6.94
N GLU B 69 -14.46 7.88 6.99
CA GLU B 69 -14.34 8.63 8.24
C GLU B 69 -15.33 8.13 9.28
N VAL B 70 -16.54 7.80 8.84
CA VAL B 70 -17.54 7.21 9.73
C VAL B 70 -17.15 5.78 10.11
N GLY B 71 -16.70 5.04 9.10
CA GLY B 71 -16.44 3.63 9.22
C GLY B 71 -17.28 2.93 8.19
N THR B 72 -16.67 2.54 7.06
CA THR B 72 -17.46 1.98 5.97
C THR B 72 -17.98 0.60 6.36
N GLU B 73 -19.25 0.37 6.05
CA GLU B 73 -19.90 -0.90 6.30
C GLU B 73 -20.45 -1.40 4.99
N MET B 74 -20.31 -2.71 4.73
CA MET B 74 -20.96 -3.27 3.55
C MET B 74 -21.74 -4.52 3.90
N ILE B 75 -23.01 -4.48 3.52
CA ILE B 75 -23.91 -5.57 3.79
C ILE B 75 -23.65 -6.70 2.82
N ILE B 76 -23.56 -7.92 3.37
CA ILE B 76 -23.44 -9.12 2.57
C ILE B 76 -24.71 -9.94 2.80
N THR B 77 -25.15 -10.73 1.81
CA THR B 77 -26.37 -11.54 1.93
C THR B 77 -26.14 -12.91 1.30
N LYS B 78 -27.15 -13.76 1.22
CA LYS B 78 -26.90 -15.04 0.57
C LYS B 78 -26.95 -14.88 -0.93
N ALA B 79 -27.81 -14.00 -1.39
CA ALA B 79 -27.89 -13.78 -2.83
C ALA B 79 -26.74 -12.89 -3.31
N GLY B 80 -26.13 -12.14 -2.41
CA GLY B 80 -25.03 -11.24 -2.77
C GLY B 80 -25.44 -9.78 -3.01
N ARG B 81 -24.79 -8.84 -2.31
CA ARG B 81 -25.01 -7.40 -2.48
C ARG B 81 -23.92 -6.70 -3.27
N ARG B 82 -24.30 -5.76 -4.12
CA ARG B 82 -23.30 -4.94 -4.79
C ARG B 82 -22.53 -4.16 -3.74
N MET B 83 -21.30 -3.77 -4.04
CA MET B 83 -20.61 -2.87 -3.12
C MET B 83 -21.36 -1.55 -3.17
N PHE B 84 -21.51 -0.89 -2.02
CA PHE B 84 -21.86 0.54 -1.96
C PHE B 84 -20.97 1.24 -0.94
N PRO B 85 -20.20 2.25 -1.37
CA PRO B 85 -20.12 2.84 -2.71
C PRO B 85 -19.66 1.83 -3.76
N SER B 86 -19.95 2.05 -5.04
CA SER B 86 -19.46 1.13 -6.05
C SER B 86 -17.99 1.45 -6.30
N TYR B 87 -17.28 0.50 -6.88
CA TYR B 87 -15.85 0.65 -7.03
C TYR B 87 -15.54 0.93 -8.49
N LYS B 88 -15.07 2.14 -8.75
CA LYS B 88 -14.78 2.56 -10.12
C LYS B 88 -13.47 3.35 -10.16
N VAL B 89 -12.66 3.07 -11.17
CA VAL B 89 -11.37 3.72 -11.30
C VAL B 89 -11.09 4.19 -12.72
N LYS B 90 -10.35 5.29 -12.84
CA LYS B 90 -9.78 5.72 -14.11
C LYS B 90 -8.36 5.13 -14.19
N VAL B 91 -7.98 4.57 -15.34
CA VAL B 91 -6.62 4.02 -15.48
C VAL B 91 -5.80 4.83 -16.49
N THR B 92 -4.55 5.15 -16.11
CA THR B 92 -3.66 5.93 -16.98
C THR B 92 -2.25 5.31 -17.10
N GLY B 93 -1.52 5.67 -18.16
CA GLY B 93 -0.15 5.22 -18.33
C GLY B 93 -0.01 3.80 -18.82
N LEU B 94 -0.97 3.34 -19.62
CA LEU B 94 -0.88 2.03 -20.24
C LEU B 94 -0.21 2.14 -21.59
N ASN B 95 0.51 1.09 -21.98
CA ASN B 95 0.91 0.92 -23.36
C ASN B 95 -0.38 0.96 -24.17
N PRO B 96 -0.55 2.02 -24.99
CA PRO B 96 -1.83 2.43 -25.58
C PRO B 96 -2.69 1.24 -25.97
N LYS B 97 -2.15 0.29 -26.75
CA LYS B 97 -2.89 -0.94 -26.99
C LYS B 97 -2.04 -2.22 -27.02
N THR B 98 -1.88 -2.83 -25.84
CA THR B 98 -1.57 -4.25 -25.73
C THR B 98 -2.66 -4.82 -24.80
N LYS B 99 -2.86 -6.13 -24.80
CA LYS B 99 -3.95 -6.69 -23.99
C LYS B 99 -3.61 -6.71 -22.51
N TYR B 100 -4.52 -6.18 -21.69
CA TYR B 100 -4.37 -6.24 -20.25
C TYR B 100 -5.57 -7.00 -19.65
N ILE B 101 -5.38 -7.53 -18.45
CA ILE B 101 -6.46 -8.17 -17.69
C ILE B 101 -6.60 -7.46 -16.34
N LEU B 102 -7.81 -7.03 -16.00
CA LEU B 102 -8.05 -6.32 -14.75
C LEU B 102 -8.77 -7.22 -13.78
N LEU B 103 -8.21 -7.38 -12.59
CA LEU B 103 -8.84 -8.24 -11.60
C LEU B 103 -9.13 -7.42 -10.33
N MET B 104 -10.00 -7.97 -9.49
CA MET B 104 -10.19 -7.42 -8.15
C MET B 104 -10.29 -8.58 -7.17
N ASP B 105 -9.59 -8.47 -6.05
CA ASP B 105 -9.84 -9.39 -4.96
C ASP B 105 -10.12 -8.55 -3.74
N ILE B 106 -10.68 -9.18 -2.72
CA ILE B 106 -11.01 -8.51 -1.48
C ILE B 106 -10.35 -9.36 -0.42
N VAL B 107 -9.41 -8.79 0.31
CA VAL B 107 -8.59 -9.58 1.22
C VAL B 107 -8.63 -8.98 2.61
N PRO B 108 -8.31 -9.77 3.65
CA PRO B 108 -8.32 -9.23 5.02
C PRO B 108 -7.40 -8.02 5.22
N ALA B 109 -7.86 -7.00 5.93
CA ALA B 109 -7.00 -5.85 6.23
C ALA B 109 -6.34 -6.03 7.60
N ASP B 110 -6.86 -7.00 8.34
CA ASP B 110 -6.28 -7.46 9.59
C ASP B 110 -6.89 -8.79 9.92
N ASP B 111 -6.77 -9.19 11.17
CA ASP B 111 -7.11 -10.57 11.59
C ASP B 111 -8.18 -10.60 12.67
N HIS B 112 -8.67 -9.41 13.06
CA HIS B 112 -9.61 -9.27 14.15
C HIS B 112 -11.03 -9.63 13.77
N ARG B 113 -11.84 -9.93 14.78
CA ARG B 113 -13.28 -9.94 14.66
C ARG B 113 -13.74 -8.62 15.28
N TYR B 114 -14.80 -8.02 14.74
CA TYR B 114 -15.26 -6.75 15.29
C TYR B 114 -16.65 -6.87 15.87
N LYS B 115 -16.90 -6.13 16.95
CA LYS B 115 -18.24 -5.92 17.46
C LYS B 115 -18.54 -4.43 17.32
N PHE B 116 -19.82 -4.09 17.22
CA PHE B 116 -20.23 -2.69 17.27
C PHE B 116 -21.07 -2.43 18.51
N ALA B 117 -20.48 -1.78 19.52
CA ALA B 117 -21.19 -1.49 20.76
C ALA B 117 -20.97 -0.06 21.21
N ASP B 118 -21.99 0.52 21.83
CA ASP B 118 -21.94 1.91 22.35
C ASP B 118 -21.50 2.86 21.25
N ASN B 119 -22.14 2.72 20.09
CA ASN B 119 -21.91 3.58 18.91
C ASN B 119 -20.46 3.57 18.40
N LYS B 120 -19.78 2.44 18.52
CA LYS B 120 -18.36 2.37 18.15
C LYS B 120 -17.97 0.92 17.75
N TRP B 121 -17.02 0.78 16.83
CA TRP B 121 -16.45 -0.53 16.51
C TRP B 121 -15.36 -0.87 17.51
N SER B 122 -15.10 -2.16 17.71
CA SER B 122 -14.01 -2.59 18.56
C SER B 122 -13.52 -3.97 18.15
N VAL B 123 -12.27 -4.27 18.48
CA VAL B 123 -11.75 -5.63 18.33
C VAL B 123 -12.47 -6.55 19.32
N THR B 124 -12.71 -7.81 18.94
CA THR B 124 -13.39 -8.73 19.86
C THR B 124 -12.79 -10.14 19.86
N GLY B 125 -12.03 -10.49 18.82
CA GLY B 125 -11.39 -11.81 18.74
C GLY B 125 -10.48 -11.96 17.53
N LYS B 126 -10.31 -13.19 17.05
CA LYS B 126 -9.54 -13.43 15.83
C LYS B 126 -10.44 -13.98 14.71
N ALA B 127 -10.24 -13.47 13.49
CA ALA B 127 -10.99 -13.94 12.33
C ALA B 127 -10.72 -15.39 11.97
N GLU B 128 -11.62 -15.96 11.16
CA GLU B 128 -11.37 -17.22 10.44
C GLU B 128 -10.66 -16.85 9.11
N PRO B 129 -10.07 -17.84 8.39
CA PRO B 129 -9.27 -17.71 7.15
C PRO B 129 -9.06 -16.35 6.44
N ALA B 130 -7.80 -16.11 6.02
CA ALA B 130 -7.35 -14.84 5.40
C ALA B 130 -6.82 -14.97 3.95
N MET B 131 -7.69 -15.54 3.08
CA MET B 131 -7.42 -16.07 1.72
C MET B 131 -7.96 -17.52 1.77
N PRO B 132 -7.77 -18.37 0.72
CA PRO B 132 -7.28 -18.23 -0.65
C PRO B 132 -8.24 -17.38 -1.49
N GLY B 133 -9.54 -17.44 -1.18
CA GLY B 133 -10.52 -16.51 -1.71
C GLY B 133 -10.88 -16.70 -3.17
N ARG B 134 -11.84 -15.90 -3.68
CA ARG B 134 -12.08 -15.87 -5.12
C ARG B 134 -11.84 -14.46 -5.62
N LEU B 135 -11.80 -14.33 -6.93
CA LEU B 135 -11.51 -13.11 -7.63
C LEU B 135 -12.75 -12.66 -8.33
N TYR B 136 -12.79 -11.38 -8.67
CA TYR B 136 -13.66 -10.92 -9.72
C TYR B 136 -12.76 -10.52 -10.88
N VAL B 137 -12.91 -11.22 -12.01
CA VAL B 137 -12.28 -10.86 -13.27
C VAL B 137 -13.22 -9.92 -14.00
N HIS B 138 -12.75 -8.72 -14.33
CA HIS B 138 -13.58 -7.79 -15.08
C HIS B 138 -14.00 -8.40 -16.42
N PRO B 139 -15.30 -8.29 -16.75
CA PRO B 139 -15.92 -8.80 -17.98
C PRO B 139 -15.26 -8.33 -19.29
N ASP B 140 -14.81 -7.07 -19.34
CA ASP B 140 -14.15 -6.52 -20.53
C ASP B 140 -12.82 -7.24 -20.84
N SER B 141 -12.26 -7.92 -19.83
CA SER B 141 -11.02 -8.71 -19.98
C SER B 141 -11.25 -9.95 -20.84
N PRO B 142 -10.21 -10.37 -21.59
CA PRO B 142 -8.97 -9.60 -21.81
C PRO B 142 -9.21 -8.51 -22.83
N ALA B 143 -8.64 -7.32 -22.63
CA ALA B 143 -8.82 -6.23 -23.59
C ALA B 143 -7.61 -5.27 -23.61
N THR B 144 -7.72 -4.19 -24.38
CA THR B 144 -6.55 -3.38 -24.70
C THR B 144 -6.39 -2.10 -23.85
N GLY B 145 -5.15 -1.63 -23.77
CA GLY B 145 -4.81 -0.47 -22.97
C GLY B 145 -5.71 0.72 -23.21
N ALA B 146 -5.78 1.18 -24.47
CA ALA B 146 -6.60 2.33 -24.83
C ALA B 146 -8.07 2.12 -24.51
N HIS B 147 -8.52 0.88 -24.70
CA HIS B 147 -9.88 0.49 -24.34
C HIS B 147 -10.13 0.69 -22.86
N TRP B 148 -9.29 0.05 -22.04
CA TRP B 148 -9.32 0.20 -20.59
C TRP B 148 -9.23 1.66 -20.14
N MET B 149 -8.61 2.49 -20.97
CA MET B 149 -8.32 3.85 -20.58
C MET B 149 -9.38 4.83 -21.04
N ARG B 150 -10.27 4.40 -21.93
CA ARG B 150 -11.22 5.34 -22.55
C ARG B 150 -12.43 5.68 -21.67
N GLN B 151 -12.92 4.70 -20.91
CA GLN B 151 -14.07 4.92 -20.03
C GLN B 151 -13.76 4.34 -18.66
N LEU B 152 -14.34 4.93 -17.62
CA LEU B 152 -14.22 4.45 -16.24
C LEU B 152 -14.45 2.95 -16.15
N VAL B 153 -13.49 2.25 -15.57
CA VAL B 153 -13.59 0.82 -15.34
C VAL B 153 -14.42 0.57 -14.08
N SER B 154 -15.62 0.03 -14.27
CA SER B 154 -16.56 -0.15 -13.18
C SER B 154 -16.55 -1.60 -12.68
N PHE B 155 -16.49 -1.76 -11.37
CA PHE B 155 -16.58 -3.08 -10.77
C PHE B 155 -17.91 -3.23 -10.04
N GLN B 156 -18.93 -2.53 -10.53
CA GLN B 156 -20.24 -2.46 -9.87
C GLN B 156 -21.01 -3.79 -9.91
N LYS B 157 -20.70 -4.65 -10.88
CA LYS B 157 -21.43 -5.92 -10.99
C LYS B 157 -20.94 -6.96 -9.98
N LEU B 158 -19.76 -6.73 -9.40
CA LEU B 158 -19.21 -7.55 -8.31
C LEU B 158 -20.20 -7.70 -7.15
N LYS B 159 -20.33 -8.88 -6.57
CA LYS B 159 -21.26 -9.06 -5.43
C LYS B 159 -20.62 -9.70 -4.21
N LEU B 160 -21.20 -9.45 -3.04
CA LEU B 160 -20.66 -9.97 -1.78
C LEU B 160 -21.72 -10.80 -1.10
N THR B 161 -21.36 -12.06 -0.85
CA THR B 161 -22.27 -13.04 -0.28
C THR B 161 -21.72 -13.55 1.04
N ASN B 162 -22.57 -14.13 1.89
CA ASN B 162 -22.07 -14.78 3.11
C ASN B 162 -22.33 -16.29 3.07
N ASN B 163 -22.60 -16.77 1.86
CA ASN B 163 -22.84 -18.18 1.60
C ASN B 163 -21.56 -18.87 1.12
N HIS B 164 -20.93 -19.63 2.02
CA HIS B 164 -19.72 -20.35 1.68
C HIS B 164 -19.89 -21.35 0.52
N LEU B 165 -21.13 -21.72 0.20
CA LEU B 165 -21.38 -22.56 -0.95
C LEU B 165 -22.08 -21.81 -2.08
N ASP B 166 -21.72 -20.54 -2.30
CA ASP B 166 -22.31 -19.80 -3.40
C ASP B 166 -21.79 -20.32 -4.75
N PRO B 167 -22.71 -20.49 -5.71
CA PRO B 167 -22.38 -20.98 -7.05
C PRO B 167 -22.27 -19.89 -8.13
N PHE B 168 -22.34 -18.63 -7.73
CA PHE B 168 -22.41 -17.56 -8.69
C PHE B 168 -21.10 -16.79 -8.85
N GLY B 169 -20.04 -17.26 -8.20
CA GLY B 169 -18.75 -16.59 -8.27
C GLY B 169 -18.70 -15.28 -7.51
N HIS B 170 -19.62 -15.10 -6.56
CA HIS B 170 -19.63 -13.91 -5.73
C HIS B 170 -18.50 -13.99 -4.72
N ILE B 171 -18.07 -12.87 -4.18
CA ILE B 171 -16.95 -12.95 -3.24
C ILE B 171 -17.48 -13.22 -1.85
N ILE B 172 -16.93 -14.26 -1.21
CA ILE B 172 -17.44 -14.71 0.07
C ILE B 172 -16.68 -14.07 1.20
N LEU B 173 -17.39 -13.34 2.06
CA LEU B 173 -16.80 -12.63 3.20
C LEU B 173 -17.44 -13.14 4.47
N ASN B 174 -16.78 -12.91 5.60
CA ASN B 174 -17.37 -13.21 6.90
C ASN B 174 -17.78 -11.92 7.58
N SER B 175 -19.02 -11.86 8.05
CA SER B 175 -19.50 -10.63 8.68
C SER B 175 -18.64 -10.25 9.89
N MET B 176 -18.57 -8.95 10.17
CA MET B 176 -17.82 -8.41 11.31
C MET B 176 -16.30 -8.64 11.14
N HIS B 177 -15.87 -8.83 9.91
CA HIS B 177 -14.45 -8.84 9.57
C HIS B 177 -14.13 -7.68 8.63
N LYS B 178 -12.98 -7.04 8.83
CA LYS B 178 -12.55 -5.95 7.96
C LYS B 178 -11.83 -6.46 6.71
N TYR B 179 -12.18 -5.90 5.55
CA TYR B 179 -11.59 -6.31 4.29
C TYR B 179 -11.07 -5.12 3.49
N GLN B 180 -10.26 -5.42 2.47
CA GLN B 180 -9.54 -4.40 1.72
C GLN B 180 -9.58 -4.69 0.22
N PRO B 181 -10.42 -3.96 -0.53
CA PRO B 181 -10.52 -4.19 -1.97
C PRO B 181 -9.17 -3.91 -2.63
N ARG B 182 -8.76 -4.76 -3.58
CA ARG B 182 -7.48 -4.58 -4.24
C ARG B 182 -7.68 -4.67 -5.76
N LEU B 183 -6.99 -3.80 -6.49
CA LEU B 183 -7.00 -3.82 -7.94
C LEU B 183 -5.73 -4.42 -8.53
N HIS B 184 -5.89 -5.39 -9.42
CA HIS B 184 -4.75 -6.07 -10.02
C HIS B 184 -4.78 -5.91 -11.54
N ILE B 185 -3.63 -5.57 -12.10
CA ILE B 185 -3.46 -5.37 -13.54
C ILE B 185 -2.39 -6.34 -14.06
N VAL B 186 -2.76 -7.14 -15.05
CA VAL B 186 -1.84 -8.09 -15.71
C VAL B 186 -1.71 -7.82 -17.19
N LYS B 187 -0.50 -7.50 -17.64
CA LYS B 187 -0.26 -7.30 -19.08
C LYS B 187 -0.21 -8.67 -19.76
N ALA B 188 -0.97 -8.82 -20.85
CA ALA B 188 -0.98 -10.06 -21.62
C ALA B 188 0.12 -10.09 -22.69
N ASN B 198 5.73 -16.80 -17.05
CA ASN B 198 6.40 -15.66 -16.42
C ASN B 198 5.49 -14.42 -16.32
N THR B 199 4.50 -14.45 -15.42
CA THR B 199 3.55 -13.34 -15.29
C THR B 199 3.80 -12.42 -14.09
N ALA B 200 3.34 -11.18 -14.21
CA ALA B 200 3.61 -10.13 -13.20
C ALA B 200 2.37 -9.22 -12.98
N PHE B 201 2.10 -8.91 -11.72
CA PHE B 201 0.95 -8.06 -11.35
C PHE B 201 1.40 -6.67 -10.89
N CYS B 202 0.83 -5.59 -11.44
CA CYS B 202 0.89 -4.30 -10.75
C CYS B 202 -0.42 -4.27 -9.93
N THR B 203 -0.31 -3.88 -8.66
CA THR B 203 -1.45 -3.85 -7.77
C THR B 203 -1.65 -2.47 -7.17
N HIS B 204 -2.90 -2.02 -7.12
CA HIS B 204 -3.21 -0.76 -6.48
C HIS B 204 -4.26 -0.95 -5.39
N VAL B 205 -3.94 -0.42 -4.21
CA VAL B 205 -4.81 -0.50 -3.05
C VAL B 205 -5.19 0.88 -2.55
N PHE B 206 -6.47 1.20 -2.59
CA PHE B 206 -6.99 2.41 -1.96
C PHE B 206 -7.49 2.12 -0.56
N PRO B 207 -6.70 2.46 0.47
CA PRO B 207 -7.02 2.15 1.88
C PRO B 207 -8.39 2.71 2.32
N GLU B 208 -8.83 3.79 1.69
CA GLU B 208 -10.12 4.37 2.05
C GLU B 208 -11.31 3.58 1.52
N THR B 209 -11.04 2.50 0.77
CA THR B 209 -12.11 1.59 0.35
C THR B 209 -12.21 0.37 1.28
N ALA B 210 -11.35 0.30 2.29
CA ALA B 210 -11.44 -0.77 3.28
C ALA B 210 -12.79 -0.70 3.98
N PHE B 211 -13.30 -1.83 4.48
CA PHE B 211 -14.61 -1.82 5.13
C PHE B 211 -14.83 -3.02 6.05
N ILE B 212 -15.80 -2.90 6.96
CA ILE B 212 -16.23 -4.07 7.73
C ILE B 212 -17.48 -4.63 7.08
N ALA B 213 -17.51 -5.94 6.88
CA ALA B 213 -18.63 -6.60 6.26
C ALA B 213 -19.69 -6.87 7.30
N VAL B 214 -20.92 -6.49 7.01
CA VAL B 214 -21.99 -6.64 8.01
C VAL B 214 -23.17 -7.35 7.39
N THR B 215 -24.05 -7.90 8.22
CA THR B 215 -25.26 -8.52 7.70
C THR B 215 -26.38 -7.48 7.64
N SER B 216 -26.17 -6.36 8.34
CA SER B 216 -27.03 -5.19 8.17
C SER B 216 -26.34 -3.96 8.80
N TYR B 217 -26.72 -2.78 8.34
CA TYR B 217 -26.05 -1.56 8.80
C TYR B 217 -26.18 -1.43 10.32
N GLN B 218 -25.14 -0.88 10.94
CA GLN B 218 -24.99 -0.92 12.39
C GLN B 218 -24.91 0.49 12.97
N ASN B 219 -24.02 1.29 12.41
CA ASN B 219 -23.81 2.64 12.87
C ASN B 219 -25.06 3.51 12.75
N HIS B 220 -25.43 4.17 13.85
CA HIS B 220 -26.58 5.05 13.84
C HIS B 220 -26.34 6.23 12.89
N LYS B 221 -25.07 6.51 12.60
CA LYS B 221 -24.75 7.58 11.67
C LYS B 221 -25.09 7.17 10.24
N ILE B 222 -25.34 5.88 10.02
CA ILE B 222 -25.85 5.42 8.74
C ILE B 222 -27.37 5.21 8.85
N THR B 223 -27.80 4.42 9.83
CA THR B 223 -29.22 4.07 10.01
C THR B 223 -30.15 5.26 10.31
N GLN B 224 -29.58 6.31 10.89
CA GLN B 224 -30.29 7.53 11.22
C GLN B 224 -29.59 8.69 10.56
N LEU B 225 -29.14 8.43 9.32
CA LEU B 225 -28.50 9.41 8.45
C LEU B 225 -29.02 10.84 8.60
N LYS B 226 -28.18 11.72 9.16
CA LYS B 226 -28.52 13.13 9.28
C LYS B 226 -28.00 13.90 8.08
N ILE B 227 -28.92 14.38 7.24
CA ILE B 227 -28.57 15.05 5.99
C ILE B 227 -27.62 16.26 6.13
N GLU B 228 -27.92 17.17 7.05
CA GLU B 228 -27.10 18.35 7.26
C GLU B 228 -26.14 18.15 8.42
N ASN B 229 -25.68 16.91 8.59
CA ASN B 229 -24.74 16.58 9.67
C ASN B 229 -23.96 15.31 9.37
N ASN B 230 -23.29 14.78 10.40
CA ASN B 230 -22.49 13.57 10.26
C ASN B 230 -22.06 13.01 11.61
#